data_8E8K
#
_entry.id   8E8K
#
_cell.length_a   98.077
_cell.length_b   98.077
_cell.length_c   81.890
_cell.angle_alpha   90.000
_cell.angle_beta   90.000
_cell.angle_gamma   120.000
#
_symmetry.space_group_name_H-M   'P 61'
#
loop_
_entity.id
_entity.type
_entity.pdbx_description
1 polymer 'DNA polymerase eta'
2 polymer "DNA (5'-D(*CP*AP*TP*TP*GP*TP*GP*AP*CP*GP*CP*T)-3')"
3 polymer "DNA/RNA (5'-D(*AP*GP*CP*GP*TP*CP*A)-R(P*C)-3')"
4 non-polymer 'MAGNESIUM ION'
5 non-polymer "2'-deoxy-5'-O-[(R)-hydroxy{[(R)-hydroxy(phosphonooxy)phosphoryl]amino}phosphoryl]guanosine"
6 water water
#
loop_
_entity_poly.entity_id
_entity_poly.type
_entity_poly.pdbx_seq_one_letter_code
_entity_poly.pdbx_strand_id
1 'polypeptide(L)'
;GPHMATGQDRVVALVDMDCFFVQVEQRQNPHLRNKPCAVVQYKSWKGGGIIAVSYEARAFGVTRSMWADDAKKLCPDLLL
AQVRESRGKANLTKYREASVEVMEIMSRFAVIERASIDEAYVDLTSAVQERLQKLQGQPISADLLPSTYIEGLPQGPTTA
EETVQKEGMRKQGLFQWLDSLQIDNLTSPDLQLTVGAVIVEEMRAAIERETGFQCSAGISHNKVLAKLACGLNKPNRQTL
VSHGSVPQLFSQMPIRKIRSLGGKLGASVIEILGIEYMGELTQFTESQLQSHFGEKNGSWLYAMCRGIEHDPVKPRQLPK
TIGCSKNFPGKTALATREQVQWWLLQLAQELEERLTKDRNDNDRVATQLVVSIRVQGDKRLSSLRRCCALTRYDAHKMSH
DAFTVIKNCNTSGIQTEWSPPLTMLFLCATKFSAS
;
A
2 'polydeoxyribonucleotide' (DC)(DA)(DT)(DT)(DG)(DT)(DG)(DA)(DC)(DG)(DC)(DT) T
3 'polydeoxyribonucleotide/polyribonucleotide hybrid' (DA)(DG)(DC)(DG)(DT)(DC)(DA)C P
#
loop_
_chem_comp.id
_chem_comp.type
_chem_comp.name
_chem_comp.formula
C RNA linking CYTIDINE-5'-MONOPHOSPHATE 'C9 H14 N3 O8 P'
DA DNA linking 2'-DEOXYADENOSINE-5'-MONOPHOSPHATE 'C10 H14 N5 O6 P'
DC DNA linking 2'-DEOXYCYTIDINE-5'-MONOPHOSPHATE 'C9 H14 N3 O7 P'
DG DNA linking 2'-DEOXYGUANOSINE-5'-MONOPHOSPHATE 'C10 H14 N5 O7 P'
DT DNA linking THYMIDINE-5'-MONOPHOSPHATE 'C10 H15 N2 O8 P'
MG non-polymer 'MAGNESIUM ION' 'Mg 2'
XG4 non-polymer 2'-deoxy-5'-O-[(R)-hydroxy{[(R)-hydroxy(phosphonooxy)phosphoryl]amino}phosphoryl]guanosine 'C10 H17 N6 O12 P3'
#
# COMPACT_ATOMS: atom_id res chain seq x y z
N GLY A 1 12.49 33.39 -5.44
CA GLY A 1 11.47 34.19 -4.77
C GLY A 1 10.05 33.97 -5.31
N PRO A 2 9.53 34.99 -6.01
CA PRO A 2 8.15 34.87 -6.55
C PRO A 2 7.95 33.69 -7.50
N HIS A 3 8.99 33.29 -8.23
CA HIS A 3 8.91 32.29 -9.28
C HIS A 3 9.29 30.89 -8.82
N MET A 4 9.70 30.72 -7.57
CA MET A 4 10.03 29.40 -7.06
C MET A 4 8.72 28.70 -6.65
N ALA A 5 8.19 27.87 -7.56
CA ALA A 5 6.95 27.16 -7.30
C ALA A 5 7.14 26.18 -6.15
N THR A 6 6.09 26.02 -5.35
CA THR A 6 6.23 25.37 -4.06
C THR A 6 5.52 24.03 -3.97
N GLY A 7 4.95 23.55 -5.08
CA GLY A 7 4.25 22.28 -5.07
C GLY A 7 3.14 22.30 -4.06
N GLN A 8 2.33 23.37 -4.10
CA GLN A 8 1.19 23.53 -3.23
C GLN A 8 -0.10 23.60 -4.03
N ASP A 9 -0.05 23.22 -5.30
CA ASP A 9 -1.23 23.28 -6.17
C ASP A 9 -2.28 22.27 -5.75
N ARG A 10 -1.86 21.05 -5.47
CA ARG A 10 -2.79 19.96 -5.25
C ARG A 10 -3.07 19.77 -3.76
N VAL A 11 -4.23 19.18 -3.48
CA VAL A 11 -4.53 18.56 -2.20
C VAL A 11 -4.66 17.07 -2.47
N VAL A 12 -3.79 16.30 -1.86
CA VAL A 12 -3.76 14.85 -2.02
C VAL A 12 -3.90 14.20 -0.66
N ALA A 13 -4.65 13.11 -0.62
CA ALA A 13 -4.82 12.34 0.60
C ALA A 13 -4.43 10.89 0.33
N LEU A 14 -3.98 10.21 1.38
CA LEU A 14 -3.71 8.78 1.32
C LEU A 14 -4.47 8.14 2.46
N VAL A 15 -5.37 7.23 2.13
CA VAL A 15 -6.14 6.49 3.12
C VAL A 15 -5.64 5.06 3.14
N ASP A 16 -5.21 4.61 4.33
CA ASP A 16 -4.76 3.24 4.55
C ASP A 16 -5.53 2.67 5.74
N MET A 17 -6.06 1.46 5.57
CA MET A 17 -6.85 0.81 6.61
C MET A 17 -5.95 0.28 7.71
N ASP A 18 -6.41 0.43 8.96
CA ASP A 18 -5.70 -0.06 10.13
C ASP A 18 -5.78 -1.58 10.22
N CYS A 19 -4.62 -2.23 10.37
CA CYS A 19 -4.48 -3.69 10.47
C CYS A 19 -5.57 -4.41 9.67
N PHE A 20 -5.56 -4.22 8.35
CA PHE A 20 -6.74 -4.47 7.52
C PHE A 20 -7.24 -5.90 7.60
N PHE A 21 -6.37 -6.88 7.38
CA PHE A 21 -6.87 -8.27 7.39
C PHE A 21 -7.44 -8.64 8.77
N VAL A 22 -6.87 -8.09 9.86
CA VAL A 22 -7.42 -8.34 11.19
C VAL A 22 -8.80 -7.69 11.34
N GLN A 23 -8.99 -6.47 10.86
CA GLN A 23 -10.33 -5.90 10.90
C GLN A 23 -11.34 -6.72 10.08
N VAL A 24 -10.93 -7.23 8.91
CA VAL A 24 -11.84 -8.06 8.11
C VAL A 24 -12.26 -9.30 8.93
N GLU A 25 -11.28 -9.95 9.58
CA GLU A 25 -11.61 -11.11 10.39
C GLU A 25 -12.41 -10.75 11.64
N GLN A 26 -12.17 -9.57 12.23
CA GLN A 26 -12.88 -9.15 13.44
C GLN A 26 -14.32 -8.75 13.14
N ARG A 27 -14.57 -8.18 11.96
CA ARG A 27 -15.95 -7.98 11.54
C ARG A 27 -16.66 -9.33 11.40
N GLN A 28 -16.03 -10.30 10.73
CA GLN A 28 -16.70 -11.58 10.56
C GLN A 28 -16.84 -12.35 11.88
N ASN A 29 -15.86 -12.25 12.78
CA ASN A 29 -15.85 -13.02 14.03
C ASN A 29 -15.80 -12.08 15.23
N PRO A 30 -16.96 -11.69 15.76
CA PRO A 30 -16.97 -10.75 16.90
C PRO A 30 -16.06 -11.16 18.06
N HIS A 31 -15.78 -12.44 18.24
CA HIS A 31 -14.95 -12.87 19.36
C HIS A 31 -13.53 -12.35 19.28
N LEU A 32 -13.10 -11.83 18.13
CA LEU A 32 -11.75 -11.32 17.98
C LEU A 32 -11.66 -9.82 18.26
N ARG A 33 -12.80 -9.13 18.33
CA ARG A 33 -12.80 -7.68 18.47
C ARG A 33 -12.16 -7.26 19.78
N ASN A 34 -11.38 -6.18 19.73
CA ASN A 34 -10.71 -5.60 20.91
C ASN A 34 -9.88 -6.64 21.65
N LYS A 35 -9.20 -7.47 20.88
CA LYS A 35 -8.31 -8.49 21.42
C LYS A 35 -6.96 -8.39 20.73
N PRO A 36 -5.90 -8.89 21.37
CA PRO A 36 -4.64 -9.14 20.64
C PRO A 36 -4.85 -10.26 19.64
N CYS A 37 -4.69 -9.92 18.37
N CYS A 37 -4.73 -9.93 18.36
CA CYS A 37 -5.06 -10.80 17.26
CA CYS A 37 -4.92 -10.94 17.35
C CYS A 37 -4.13 -10.54 16.08
C CYS A 37 -4.12 -10.57 16.11
N ALA A 38 -3.91 -11.59 15.29
CA ALA A 38 -3.11 -11.49 14.09
C ALA A 38 -3.73 -12.42 13.04
N VAL A 39 -3.35 -12.20 11.80
CA VAL A 39 -3.76 -13.09 10.72
C VAL A 39 -2.50 -13.74 10.15
N VAL A 40 -2.56 -15.06 9.96
N VAL A 40 -2.64 -15.00 9.76
CA VAL A 40 -1.42 -15.83 9.49
CA VAL A 40 -1.52 -15.87 9.52
C VAL A 40 -1.78 -16.51 8.17
C VAL A 40 -1.78 -16.68 8.25
N GLN A 41 -0.73 -16.95 7.47
CA GLN A 41 -0.82 -17.80 6.29
C GLN A 41 -0.15 -19.13 6.62
N TYR A 42 -0.92 -20.22 6.51
CA TYR A 42 -0.42 -21.60 6.81
C TYR A 42 -0.37 -21.77 8.33
N LYS A 43 -0.07 -22.97 8.82
CA LYS A 43 -0.12 -23.22 10.29
C LYS A 43 0.89 -24.30 10.69
N SER A 44 1.33 -25.11 9.74
CA SER A 44 2.22 -26.25 10.08
C SER A 44 3.62 -25.77 10.45
N TRP A 45 4.24 -24.96 9.61
CA TRP A 45 5.62 -24.47 9.89
C TRP A 45 5.57 -23.34 10.90
N LYS A 46 5.94 -23.59 12.17
CA LYS A 46 6.00 -22.59 13.24
C LYS A 46 4.71 -21.78 13.36
N GLY A 47 3.58 -22.46 13.17
CA GLY A 47 2.27 -21.87 13.44
C GLY A 47 1.79 -20.90 12.39
N GLY A 48 2.55 -20.70 11.31
CA GLY A 48 2.21 -19.83 10.22
C GLY A 48 2.91 -18.47 10.32
N GLY A 49 2.96 -17.79 9.18
CA GLY A 49 3.63 -16.51 9.08
C GLY A 49 2.61 -15.40 9.24
N ILE A 50 2.92 -14.46 10.12
CA ILE A 50 2.01 -13.35 10.41
C ILE A 50 2.15 -12.28 9.34
N ILE A 51 1.02 -11.80 8.84
CA ILE A 51 1.00 -10.69 7.88
C ILE A 51 0.18 -9.51 8.35
N ALA A 52 -0.55 -9.61 9.46
CA ALA A 52 -1.37 -8.50 9.93
C ALA A 52 -1.58 -8.64 11.43
N VAL A 53 -1.43 -7.52 12.16
CA VAL A 53 -1.41 -7.53 13.62
C VAL A 53 -2.27 -6.42 14.16
N SER A 54 -3.20 -6.74 15.05
CA SER A 54 -3.96 -5.70 15.74
C SER A 54 -3.07 -4.87 16.66
N TYR A 55 -3.52 -3.65 16.95
CA TYR A 55 -2.68 -2.73 17.71
C TYR A 55 -2.49 -3.20 19.15
N GLU A 56 -3.51 -3.83 19.73
CA GLU A 56 -3.36 -4.52 21.00
C GLU A 56 -2.22 -5.54 20.94
N ALA A 57 -2.20 -6.38 19.92
CA ALA A 57 -1.11 -7.35 19.80
C ALA A 57 0.23 -6.66 19.59
N ARG A 58 0.25 -5.57 18.81
CA ARG A 58 1.50 -4.82 18.60
C ARG A 58 2.10 -4.32 19.89
N ALA A 59 1.27 -3.96 20.88
CA ALA A 59 1.80 -3.49 22.16
C ALA A 59 2.73 -4.52 22.80
N PHE A 60 2.55 -5.81 22.47
CA PHE A 60 3.43 -6.88 22.97
C PHE A 60 4.65 -7.13 22.09
N GLY A 61 4.85 -6.36 21.02
CA GLY A 61 5.96 -6.60 20.11
C GLY A 61 5.66 -7.51 18.94
N VAL A 62 4.40 -7.89 18.73
CA VAL A 62 4.05 -8.75 17.59
C VAL A 62 4.11 -7.91 16.31
N THR A 63 4.78 -8.43 15.29
CA THR A 63 4.90 -7.73 14.04
C THR A 63 4.60 -8.66 12.88
N ARG A 64 4.38 -8.03 11.73
CA ARG A 64 4.35 -8.79 10.48
C ARG A 64 5.70 -9.46 10.25
N SER A 65 5.64 -10.60 9.55
CA SER A 65 6.75 -11.47 9.18
C SER A 65 7.21 -12.35 10.34
N MET A 66 6.66 -12.20 11.54
CA MET A 66 6.96 -13.17 12.59
C MET A 66 6.24 -14.49 12.34
N TRP A 67 6.87 -15.56 12.78
CA TRP A 67 6.17 -16.83 12.94
C TRP A 67 5.21 -16.75 14.11
N ALA A 68 4.11 -17.49 14.01
CA ALA A 68 3.09 -17.36 15.04
C ALA A 68 3.56 -17.94 16.36
N ASP A 69 4.43 -18.95 16.32
CA ASP A 69 4.92 -19.56 17.56
C ASP A 69 5.81 -18.58 18.34
N ASP A 70 6.65 -17.84 17.62
CA ASP A 70 7.44 -16.80 18.25
C ASP A 70 6.55 -15.69 18.81
N ALA A 71 5.53 -15.29 18.04
CA ALA A 71 4.61 -14.27 18.52
C ALA A 71 3.89 -14.72 19.78
N LYS A 72 3.56 -16.01 19.87
CA LYS A 72 2.93 -16.56 21.06
C LYS A 72 3.85 -16.50 22.26
N LYS A 73 5.15 -16.66 22.02
CA LYS A 73 6.12 -16.42 23.09
C LYS A 73 6.06 -14.98 23.59
N LEU A 74 5.88 -14.02 22.67
CA LEU A 74 5.76 -12.64 23.16
C LEU A 74 4.38 -12.36 23.75
N CYS A 75 3.33 -13.01 23.23
CA CYS A 75 1.95 -12.65 23.52
C CYS A 75 1.10 -13.91 23.66
N PRO A 76 1.06 -14.50 24.87
CA PRO A 76 0.45 -15.83 25.02
C PRO A 76 -1.06 -15.89 24.81
N ASP A 77 -1.80 -14.78 25.00
CA ASP A 77 -3.22 -14.81 24.66
C ASP A 77 -3.50 -14.35 23.23
N LEU A 78 -2.53 -14.41 22.33
CA LEU A 78 -2.74 -13.93 20.98
C LEU A 78 -3.74 -14.81 20.27
N LEU A 79 -4.72 -14.19 19.64
CA LEU A 79 -5.66 -14.90 18.80
C LEU A 79 -5.16 -14.85 17.36
N LEU A 80 -5.39 -15.93 16.61
CA LEU A 80 -4.94 -16.03 15.23
C LEU A 80 -6.11 -16.37 14.32
N ALA A 81 -6.29 -15.59 13.27
CA ALA A 81 -7.14 -16.02 12.17
C ALA A 81 -6.25 -16.46 11.02
N GLN A 82 -6.68 -17.50 10.32
CA GLN A 82 -5.92 -18.06 9.21
C GLN A 82 -6.51 -17.63 7.87
N VAL A 83 -5.63 -17.30 6.92
CA VAL A 83 -6.05 -17.11 5.54
C VAL A 83 -6.68 -18.40 5.01
N ARG A 84 -7.78 -18.26 4.25
CA ARG A 84 -8.40 -19.39 3.56
C ARG A 84 -7.37 -20.09 2.67
N GLU A 85 -7.41 -21.43 2.67
CA GLU A 85 -6.66 -22.22 1.70
C GLU A 85 -7.58 -22.83 0.67
N SER A 86 -7.15 -22.79 -0.59
CA SER A 86 -7.85 -23.43 -1.70
C SER A 86 -6.81 -24.00 -2.65
N ARG A 87 -7.14 -25.17 -3.22
CA ARG A 87 -6.23 -25.94 -4.06
C ARG A 87 -4.82 -25.97 -3.50
N GLY A 88 -4.69 -26.11 -2.19
CA GLY A 88 -3.39 -26.18 -1.55
C GLY A 88 -2.66 -24.87 -1.41
N LYS A 89 -3.31 -23.73 -1.62
CA LYS A 89 -2.59 -22.47 -1.48
C LYS A 89 -3.43 -21.45 -0.76
N ALA A 90 -2.75 -20.40 -0.31
CA ALA A 90 -3.41 -19.26 0.30
C ALA A 90 -4.35 -18.58 -0.69
N ASN A 91 -5.55 -18.25 -0.21
CA ASN A 91 -6.63 -17.67 -1.00
C ASN A 91 -6.99 -16.32 -0.37
N LEU A 92 -6.65 -15.22 -1.03
CA LEU A 92 -6.83 -13.92 -0.41
C LEU A 92 -8.12 -13.24 -0.86
N THR A 93 -9.06 -14.02 -1.40
CA THR A 93 -10.28 -13.47 -1.99
C THR A 93 -11.03 -12.55 -1.04
N LYS A 94 -11.27 -13.01 0.19
CA LYS A 94 -12.11 -12.27 1.15
C LYS A 94 -11.62 -10.84 1.36
N TYR A 95 -10.30 -10.65 1.36
CA TYR A 95 -9.73 -9.33 1.58
C TYR A 95 -9.74 -8.47 0.32
N ARG A 96 -9.52 -9.07 -0.85
CA ARG A 96 -9.72 -8.34 -2.10
C ARG A 96 -11.15 -7.79 -2.22
N GLU A 97 -12.14 -8.58 -1.76
CA GLU A 97 -13.54 -8.12 -1.79
C GLU A 97 -13.82 -7.07 -0.72
N ALA A 98 -13.24 -7.23 0.48
CA ALA A 98 -13.38 -6.17 1.48
C ALA A 98 -12.74 -4.87 1.00
N SER A 99 -11.57 -5.00 0.38
CA SER A 99 -10.89 -3.89 -0.28
C SER A 99 -11.81 -3.15 -1.27
N VAL A 100 -12.46 -3.91 -2.15
CA VAL A 100 -13.38 -3.33 -3.12
C VAL A 100 -14.52 -2.58 -2.42
N GLU A 101 -15.06 -3.12 -1.32
CA GLU A 101 -16.01 -2.34 -0.53
C GLU A 101 -15.46 -0.96 -0.21
N VAL A 102 -14.25 -0.94 0.34
CA VAL A 102 -13.69 0.34 0.78
C VAL A 102 -13.46 1.27 -0.42
N MET A 103 -12.90 0.72 -1.51
N MET A 103 -12.89 0.73 -1.51
CA MET A 103 -12.56 1.51 -2.68
CA MET A 103 -12.56 1.56 -2.65
C MET A 103 -13.81 2.12 -3.30
C MET A 103 -13.81 2.11 -3.33
N GLU A 104 -14.91 1.36 -3.33
CA GLU A 104 -16.14 1.86 -3.90
C GLU A 104 -16.66 3.03 -3.08
N ILE A 105 -16.53 2.98 -1.75
CA ILE A 105 -16.94 4.14 -0.96
C ILE A 105 -16.04 5.35 -1.24
N MET A 106 -14.73 5.13 -1.29
CA MET A 106 -13.82 6.25 -1.53
C MET A 106 -14.10 6.90 -2.87
N SER A 107 -14.45 6.10 -3.88
CA SER A 107 -14.73 6.63 -5.19
C SER A 107 -15.90 7.60 -5.22
N ARG A 108 -16.84 7.53 -4.27
CA ARG A 108 -17.96 8.48 -4.31
C ARG A 108 -17.48 9.92 -4.14
N PHE A 109 -16.43 10.13 -3.34
CA PHE A 109 -15.97 11.47 -3.02
C PHE A 109 -15.03 12.05 -4.07
N ALA A 110 -14.22 11.23 -4.73
CA ALA A 110 -13.22 11.74 -5.66
C ALA A 110 -12.62 10.57 -6.42
N VAL A 111 -11.79 10.90 -7.40
CA VAL A 111 -11.08 9.88 -8.17
C VAL A 111 -9.93 9.34 -7.34
N ILE A 112 -9.84 8.02 -7.23
CA ILE A 112 -8.80 7.40 -6.42
C ILE A 112 -7.86 6.56 -7.29
N GLU A 113 -6.65 6.34 -6.75
CA GLU A 113 -5.62 5.45 -7.29
C GLU A 113 -5.39 4.36 -6.25
N ARG A 114 -5.89 3.16 -6.51
CA ARG A 114 -5.58 2.04 -5.63
C ARG A 114 -4.08 1.85 -5.59
N ALA A 115 -3.49 2.01 -4.41
CA ALA A 115 -2.06 1.83 -4.24
C ALA A 115 -1.73 0.45 -3.68
N SER A 116 -2.66 -0.19 -3.01
CA SER A 116 -2.49 -1.58 -2.60
C SER A 116 -3.86 -2.09 -2.19
N ILE A 117 -3.92 -3.38 -1.79
CA ILE A 117 -5.16 -3.99 -1.32
C ILE A 117 -5.89 -3.11 -0.32
N ASP A 118 -5.15 -2.37 0.51
CA ASP A 118 -5.80 -1.68 1.60
C ASP A 118 -5.59 -0.17 1.56
N GLU A 119 -5.10 0.38 0.46
CA GLU A 119 -4.93 1.83 0.49
C GLU A 119 -5.06 2.45 -0.90
N ALA A 120 -5.51 3.72 -0.88
CA ALA A 120 -5.74 4.50 -2.08
C ALA A 120 -5.33 5.95 -1.87
N TYR A 121 -4.83 6.56 -2.94
CA TYR A 121 -4.67 8.01 -2.99
C TYR A 121 -5.92 8.67 -3.54
N VAL A 122 -6.15 9.90 -3.08
CA VAL A 122 -7.29 10.72 -3.48
C VAL A 122 -6.77 12.07 -3.93
N ASP A 123 -7.23 12.54 -5.09
CA ASP A 123 -6.98 13.91 -5.55
C ASP A 123 -8.18 14.76 -5.16
N LEU A 124 -8.01 15.61 -4.15
CA LEU A 124 -9.11 16.37 -3.58
C LEU A 124 -9.13 17.83 -4.01
N THR A 125 -8.24 18.25 -4.92
CA THR A 125 -8.20 19.65 -5.34
C THR A 125 -9.57 20.18 -5.78
N SER A 126 -10.24 19.48 -6.69
CA SER A 126 -11.57 19.92 -7.13
C SER A 126 -12.58 19.90 -5.98
N ALA A 127 -12.57 18.82 -5.20
CA ALA A 127 -13.54 18.74 -4.11
C ALA A 127 -13.33 19.88 -3.11
N VAL A 128 -12.08 20.27 -2.84
CA VAL A 128 -11.82 21.36 -1.91
CA VAL A 128 -11.87 21.35 -1.89
C VAL A 128 -12.28 22.68 -2.50
N GLN A 129 -12.03 22.89 -3.80
CA GLN A 129 -12.55 24.11 -4.43
C GLN A 129 -14.06 24.21 -4.27
N GLU A 130 -14.76 23.11 -4.55
CA GLU A 130 -16.22 23.10 -4.41
C GLU A 130 -16.64 23.44 -2.99
N ARG A 131 -16.05 22.74 -2.01
CA ARG A 131 -16.43 22.96 -0.62
C ARG A 131 -16.09 24.36 -0.15
N LEU A 132 -14.97 24.92 -0.63
CA LEU A 132 -14.63 26.30 -0.29
C LEU A 132 -15.68 27.28 -0.82
N GLN A 133 -16.12 27.08 -2.06
CA GLN A 133 -17.18 27.94 -2.59
C GLN A 133 -18.47 27.78 -1.78
N LYS A 134 -18.76 26.57 -1.33
CA LYS A 134 -20.00 26.36 -0.58
C LYS A 134 -19.93 27.00 0.80
N LEU A 135 -18.76 27.00 1.43
CA LEU A 135 -18.67 27.59 2.76
C LEU A 135 -18.96 29.09 2.72
N GLN A 136 -18.68 29.73 1.60
CA GLN A 136 -18.88 31.18 1.42
C GLN A 136 -18.20 31.95 2.55
N GLY A 137 -16.92 31.64 2.76
CA GLY A 137 -16.10 32.34 3.74
C GLY A 137 -16.33 31.96 5.18
N GLN A 138 -17.18 30.97 5.45
CA GLN A 138 -17.44 30.56 6.81
C GLN A 138 -16.19 29.90 7.41
N PRO A 139 -15.76 30.31 8.61
CA PRO A 139 -14.56 29.69 9.23
C PRO A 139 -14.77 28.21 9.49
N ILE A 140 -13.66 27.53 9.77
CA ILE A 140 -13.67 26.08 9.94
C ILE A 140 -13.58 25.75 11.42
N SER A 141 -14.52 24.95 11.88
CA SER A 141 -14.72 24.64 13.28
C SER A 141 -13.97 23.37 13.67
N ALA A 142 -13.41 23.35 14.90
CA ALA A 142 -12.68 22.16 15.33
C ALA A 142 -13.61 20.95 15.48
N ASP A 143 -14.92 21.19 15.60
CA ASP A 143 -15.90 20.11 15.51
C ASP A 143 -15.78 19.37 14.20
N LEU A 144 -15.35 20.03 13.14
CA LEU A 144 -15.30 19.40 11.83
C LEU A 144 -14.10 18.51 11.65
N LEU A 145 -13.11 18.58 12.56
CA LEU A 145 -11.90 17.79 12.50
C LEU A 145 -11.67 17.01 13.79
N PRO A 146 -12.58 16.09 14.12
CA PRO A 146 -12.49 15.42 15.43
C PRO A 146 -11.36 14.42 15.57
N SER A 147 -10.71 14.01 14.47
CA SER A 147 -9.64 13.03 14.57
C SER A 147 -8.41 13.48 13.79
N THR A 148 -8.34 14.76 13.45
CA THR A 148 -7.24 15.32 12.69
C THR A 148 -6.12 15.78 13.63
N TYR A 149 -4.88 15.37 13.32
CA TYR A 149 -3.67 15.92 13.92
C TYR A 149 -2.99 16.86 12.92
N ILE A 150 -2.43 17.95 13.43
CA ILE A 150 -1.66 18.91 12.63
C ILE A 150 -0.18 18.73 12.98
N GLU A 151 0.58 18.17 12.05
CA GLU A 151 1.98 17.87 12.31
C GLU A 151 2.78 19.14 12.64
N GLY A 152 3.59 19.06 13.70
CA GLY A 152 4.41 20.15 14.17
C GLY A 152 3.74 21.08 15.15
N LEU A 153 2.49 20.83 15.53
CA LEU A 153 1.68 21.59 16.46
C LEU A 153 1.19 20.70 17.59
N PRO A 154 1.11 21.21 18.81
CA PRO A 154 1.37 22.62 19.19
C PRO A 154 2.86 22.95 19.33
N GLN A 155 3.22 24.23 19.19
CA GLN A 155 4.57 24.69 19.46
C GLN A 155 4.49 26.04 20.17
N GLY A 156 5.37 26.25 21.15
CA GLY A 156 5.43 27.52 21.86
C GLY A 156 4.75 27.52 23.22
N GLN A 165 -2.45 15.09 28.15
CA GLN A 165 -2.77 13.80 27.47
C GLN A 165 -2.75 14.00 25.96
N LYS A 166 -3.05 12.93 25.20
CA LYS A 166 -2.96 12.99 23.72
C LYS A 166 -4.07 13.83 23.12
N GLU A 167 -5.31 13.52 23.47
CA GLU A 167 -6.47 14.27 22.92
C GLU A 167 -6.25 15.75 23.20
N GLY A 168 -5.68 16.05 24.36
CA GLY A 168 -5.44 17.45 24.73
C GLY A 168 -4.44 18.09 23.81
N MET A 169 -3.29 17.45 23.66
CA MET A 169 -2.24 17.95 22.76
C MET A 169 -2.79 17.97 21.33
N ARG A 170 -3.58 16.96 20.96
CA ARG A 170 -4.15 17.06 19.61
C ARG A 170 -5.02 18.29 19.47
N LYS A 171 -5.96 18.48 20.41
CA LYS A 171 -6.87 19.62 20.29
C LYS A 171 -6.10 20.94 20.41
N GLN A 172 -5.07 21.01 21.26
CA GLN A 172 -4.24 22.21 21.31
C GLN A 172 -3.63 22.50 19.94
N GLY A 173 -3.02 21.49 19.32
CA GLY A 173 -2.45 21.68 17.98
C GLY A 173 -3.48 22.11 16.97
N LEU A 174 -4.68 21.53 17.04
CA LEU A 174 -5.73 21.90 16.10
C LEU A 174 -6.20 23.33 16.32
N PHE A 175 -6.32 23.78 17.59
CA PHE A 175 -6.74 25.16 17.84
C PHE A 175 -5.67 26.15 17.37
N GLN A 176 -4.39 25.88 17.67
CA GLN A 176 -3.32 26.74 17.15
C GLN A 176 -3.38 26.83 15.63
N TRP A 177 -3.62 25.70 14.95
CA TRP A 177 -3.72 25.72 13.49
C TRP A 177 -4.92 26.55 13.02
N LEU A 178 -6.08 26.36 13.66
CA LEU A 178 -7.31 26.99 13.17
C LEU A 178 -7.36 28.49 13.46
N ASP A 179 -6.74 28.95 14.56
CA ASP A 179 -6.67 30.38 14.83
C ASP A 179 -5.71 31.12 13.92
N SER A 180 -4.81 30.42 13.25
CA SER A 180 -3.87 31.06 12.34
C SER A 180 -4.37 31.07 10.90
N LEU A 181 -5.59 30.58 10.65
N LEU A 181 -5.58 30.57 10.65
CA LEU A 181 -6.06 30.37 9.29
CA LEU A 181 -6.06 30.37 9.29
C LEU A 181 -6.61 31.66 8.69
C LEU A 181 -6.60 31.67 8.69
N GLN A 182 -6.20 31.96 7.45
CA GLN A 182 -6.77 33.09 6.70
C GLN A 182 -7.92 32.53 5.86
N ILE A 183 -9.11 32.55 6.45
CA ILE A 183 -10.31 31.93 5.85
C ILE A 183 -10.88 32.74 4.68
N ASP A 184 -10.47 34.00 4.53
CA ASP A 184 -10.96 34.81 3.42
C ASP A 184 -10.26 34.52 2.09
N ASN A 185 -9.05 33.98 2.13
CA ASN A 185 -8.22 33.81 0.93
C ASN A 185 -8.47 32.41 0.36
N LEU A 186 -9.41 32.32 -0.60
CA LEU A 186 -9.77 31.03 -1.19
C LEU A 186 -8.58 30.30 -1.82
N THR A 187 -7.41 30.93 -1.89
CA THR A 187 -6.26 30.36 -2.59
C THR A 187 -5.09 30.02 -1.65
N SER A 188 -5.24 30.20 -0.34
CA SER A 188 -4.18 29.83 0.62
C SER A 188 -4.03 28.31 0.69
N PRO A 189 -2.87 27.78 0.32
CA PRO A 189 -2.64 26.32 0.42
C PRO A 189 -3.02 25.72 1.77
N ASP A 190 -2.73 26.42 2.87
CA ASP A 190 -3.01 25.87 4.18
C ASP A 190 -4.52 25.69 4.38
N LEU A 191 -5.29 26.70 3.95
CA LEU A 191 -6.75 26.59 3.97
C LEU A 191 -7.22 25.40 3.13
N GLN A 192 -6.66 25.24 1.93
CA GLN A 192 -7.06 24.14 1.07
C GLN A 192 -6.83 22.79 1.75
N LEU A 193 -5.66 22.61 2.37
CA LEU A 193 -5.39 21.38 3.11
C LEU A 193 -6.41 21.18 4.23
N THR A 194 -6.75 22.23 4.96
CA THR A 194 -7.75 22.15 6.02
C THR A 194 -9.08 21.64 5.50
N VAL A 195 -9.55 22.23 4.40
CA VAL A 195 -10.83 21.80 3.84
C VAL A 195 -10.72 20.36 3.36
N GLY A 196 -9.58 20.01 2.75
CA GLY A 196 -9.33 18.62 2.41
C GLY A 196 -9.47 17.70 3.60
N ALA A 197 -8.95 18.12 4.75
CA ALA A 197 -8.98 17.26 5.93
C ALA A 197 -10.39 17.13 6.50
N VAL A 198 -11.21 18.15 6.32
CA VAL A 198 -12.64 18.03 6.64
C VAL A 198 -13.30 16.97 5.76
N ILE A 199 -13.02 17.02 4.45
CA ILE A 199 -13.60 16.04 3.53
C ILE A 199 -13.10 14.64 3.86
N VAL A 200 -11.84 14.51 4.30
CA VAL A 200 -11.31 13.20 4.60
C VAL A 200 -11.90 12.66 5.89
N GLU A 201 -12.20 13.54 6.86
CA GLU A 201 -13.03 13.11 8.00
C GLU A 201 -14.34 12.51 7.51
N GLU A 202 -15.01 13.19 6.57
CA GLU A 202 -16.28 12.68 6.07
C GLU A 202 -16.11 11.33 5.37
N MET A 203 -15.06 11.19 4.56
CA MET A 203 -14.79 9.94 3.87
C MET A 203 -14.55 8.81 4.87
N ARG A 204 -13.74 9.06 5.89
CA ARG A 204 -13.45 8.01 6.87
C ARG A 204 -14.69 7.68 7.70
N ALA A 205 -15.54 8.68 7.97
CA ALA A 205 -16.78 8.37 8.65
C ALA A 205 -17.63 7.45 7.80
N ALA A 206 -17.73 7.74 6.49
CA ALA A 206 -18.54 6.89 5.62
C ALA A 206 -17.97 5.49 5.52
N ILE A 207 -16.64 5.36 5.48
CA ILE A 207 -16.01 4.04 5.40
C ILE A 207 -16.38 3.23 6.63
N GLU A 208 -16.27 3.83 7.81
CA GLU A 208 -16.59 3.09 9.02
C GLU A 208 -18.08 2.79 9.12
N ARG A 209 -18.94 3.76 8.76
CA ARG A 209 -20.38 3.49 8.88
C ARG A 209 -20.78 2.37 7.91
N GLU A 210 -20.21 2.30 6.72
CA GLU A 210 -20.71 1.38 5.71
C GLU A 210 -19.93 0.08 5.62
N THR A 211 -18.78 -0.03 6.30
CA THR A 211 -18.08 -1.30 6.37
C THR A 211 -17.75 -1.75 7.77
N GLY A 212 -17.76 -0.87 8.76
CA GLY A 212 -17.25 -1.22 10.07
C GLY A 212 -15.74 -1.20 10.20
N PHE A 213 -15.02 -0.82 9.15
CA PHE A 213 -13.57 -0.76 9.18
C PHE A 213 -13.11 0.65 9.52
N GLN A 214 -12.05 0.74 10.32
CA GLN A 214 -11.43 2.01 10.64
C GLN A 214 -10.15 2.16 9.85
N CYS A 215 -9.77 3.40 9.58
CA CYS A 215 -8.58 3.67 8.80
C CYS A 215 -7.95 4.96 9.27
N SER A 216 -6.74 5.20 8.76
CA SER A 216 -6.05 6.46 8.94
C SER A 216 -5.84 7.10 7.58
N ALA A 217 -5.59 8.41 7.59
CA ALA A 217 -5.32 9.15 6.37
C ALA A 217 -4.24 10.19 6.60
N GLY A 218 -3.47 10.43 5.55
CA GLY A 218 -2.58 11.58 5.46
C GLY A 218 -3.20 12.55 4.49
N ILE A 219 -3.19 13.83 4.85
CA ILE A 219 -3.58 14.90 3.95
C ILE A 219 -2.37 15.81 3.77
N SER A 220 -2.00 16.05 2.51
CA SER A 220 -0.90 16.96 2.20
C SER A 220 -1.04 17.44 0.77
N HIS A 221 0.07 17.90 0.19
CA HIS A 221 0.07 18.42 -1.18
C HIS A 221 0.56 17.41 -2.21
N ASN A 222 1.04 16.24 -1.81
CA ASN A 222 1.49 15.26 -2.79
C ASN A 222 1.39 13.85 -2.17
N LYS A 223 1.61 12.83 -3.02
CA LYS A 223 1.45 11.44 -2.57
C LYS A 223 2.43 11.08 -1.46
N VAL A 224 3.69 11.50 -1.59
CA VAL A 224 4.71 11.03 -0.69
C VAL A 224 4.47 11.59 0.71
N LEU A 225 4.14 12.88 0.79
CA LEU A 225 3.81 13.48 2.08
C LEU A 225 2.50 12.96 2.64
N ALA A 226 1.50 12.72 1.80
CA ALA A 226 0.27 12.15 2.29
C ALA A 226 0.53 10.78 2.92
N LYS A 227 1.31 9.94 2.23
CA LYS A 227 1.59 8.59 2.73
C LYS A 227 2.41 8.66 4.03
N LEU A 228 3.46 9.48 4.06
CA LEU A 228 4.23 9.66 5.28
C LEU A 228 3.34 10.14 6.43
N ALA A 229 2.51 11.16 6.16
CA ALA A 229 1.58 11.70 7.15
C ALA A 229 0.64 10.63 7.70
N CYS A 230 0.13 9.79 6.82
CA CYS A 230 -0.83 8.76 7.23
C CYS A 230 -0.30 7.88 8.36
N GLY A 231 0.99 7.53 8.32
CA GLY A 231 1.56 6.70 9.36
C GLY A 231 1.83 7.42 10.66
N LEU A 232 1.86 8.76 10.65
CA LEU A 232 2.33 9.47 11.84
C LEU A 232 1.40 9.28 13.04
N ASN A 233 0.11 9.00 12.82
CA ASN A 233 -0.79 8.94 13.97
C ASN A 233 -1.77 7.79 13.89
N LYS A 234 -1.39 6.72 13.20
CA LYS A 234 -2.17 5.50 13.23
C LYS A 234 -2.26 4.99 14.66
N PRO A 235 -3.39 4.36 15.05
CA PRO A 235 -4.59 4.06 14.27
C PRO A 235 -5.72 5.06 14.40
N ASN A 236 -6.65 4.99 13.46
CA ASN A 236 -7.93 5.69 13.55
C ASN A 236 -7.75 7.21 13.72
N ARG A 237 -6.75 7.76 13.04
CA ARG A 237 -6.50 9.20 13.09
C ARG A 237 -6.02 9.65 11.72
N GLN A 238 -6.11 10.94 11.45
CA GLN A 238 -5.62 11.49 10.20
C GLN A 238 -4.70 12.66 10.49
N THR A 239 -3.73 12.90 9.61
CA THR A 239 -2.70 13.88 9.89
C THR A 239 -2.54 14.80 8.70
N LEU A 240 -2.66 16.10 8.96
CA LEU A 240 -2.41 17.15 8.00
C LEU A 240 -0.94 17.54 8.07
N VAL A 241 -0.21 17.35 6.95
CA VAL A 241 1.18 17.76 6.85
C VAL A 241 1.20 18.95 5.91
N SER A 242 1.50 20.12 6.47
CA SER A 242 1.48 21.33 5.67
C SER A 242 2.84 21.56 5.05
N HIS A 243 2.86 22.38 4.00
CA HIS A 243 4.13 22.72 3.39
C HIS A 243 5.07 23.33 4.40
N GLY A 244 4.54 24.19 5.30
CA GLY A 244 5.36 24.85 6.30
C GLY A 244 5.94 23.93 7.34
N SER A 245 5.34 22.76 7.56
CA SER A 245 5.87 21.82 8.55
C SER A 245 6.97 20.93 7.98
N VAL A 246 7.26 21.01 6.69
CA VAL A 246 8.23 20.08 6.11
C VAL A 246 9.63 20.26 6.69
N PRO A 247 10.22 21.47 6.74
CA PRO A 247 11.60 21.57 7.30
C PRO A 247 11.80 20.94 8.69
N GLN A 248 10.93 21.21 9.65
CA GLN A 248 11.12 20.57 10.95
C GLN A 248 10.96 19.06 10.84
N LEU A 249 9.93 18.60 10.11
CA LEU A 249 9.64 17.17 10.01
C LEU A 249 10.82 16.42 9.38
N PHE A 250 11.32 16.95 8.27
CA PHE A 250 12.41 16.30 7.58
C PHE A 250 13.76 16.47 8.27
N SER A 251 13.90 17.42 9.21
CA SER A 251 15.21 17.61 9.82
C SER A 251 15.66 16.41 10.66
N GLN A 252 14.74 15.54 11.08
CA GLN A 252 15.09 14.34 11.82
C GLN A 252 14.46 13.10 11.21
N MET A 253 13.94 13.21 10.02
CA MET A 253 13.30 12.11 9.32
C MET A 253 14.38 11.28 8.66
N PRO A 254 14.63 10.05 9.14
CA PRO A 254 15.57 9.16 8.44
C PRO A 254 15.18 8.98 6.99
N ILE A 255 16.19 8.89 6.12
CA ILE A 255 15.92 8.85 4.70
C ILE A 255 15.04 7.64 4.33
N ARG A 256 15.26 6.49 5.01
CA ARG A 256 14.54 5.26 4.70
C ARG A 256 13.04 5.33 4.99
N LYS A 257 12.54 6.40 5.59
CA LYS A 257 11.11 6.49 5.87
C LYS A 257 10.32 7.02 4.69
N ILE A 258 11.00 7.46 3.64
CA ILE A 258 10.33 8.04 2.47
C ILE A 258 10.06 6.93 1.49
N ARG A 259 8.83 6.90 0.96
CA ARG A 259 8.41 5.91 -0.03
C ARG A 259 9.44 5.89 -1.15
N SER A 260 10.10 4.72 -1.31
CA SER A 260 11.03 4.37 -2.37
C SER A 260 12.49 4.56 -1.98
N LEU A 261 12.77 5.21 -0.86
CA LEU A 261 14.14 5.28 -0.35
C LEU A 261 14.43 4.23 0.72
N GLY A 262 13.48 3.35 1.00
CA GLY A 262 13.70 2.37 2.04
C GLY A 262 14.61 1.20 1.70
N GLY A 263 15.25 1.20 0.53
CA GLY A 263 16.04 0.07 0.08
C GLY A 263 17.44 0.49 -0.37
N LYS A 264 17.87 -0.10 -1.48
CA LYS A 264 19.24 0.06 -1.95
C LYS A 264 19.56 1.52 -2.27
N LEU A 265 18.64 2.20 -2.97
CA LEU A 265 18.84 3.61 -3.31
C LEU A 265 19.00 4.47 -2.07
N GLY A 266 18.14 4.29 -1.08
CA GLY A 266 18.25 5.08 0.13
C GLY A 266 19.58 4.89 0.82
N ALA A 267 20.06 3.65 0.84
CA ALA A 267 21.35 3.34 1.46
C ALA A 267 22.49 4.02 0.70
N SER A 268 22.42 4.05 -0.63
CA SER A 268 23.46 4.76 -1.37
C SER A 268 23.40 6.26 -1.13
N VAL A 269 22.19 6.82 -0.99
CA VAL A 269 22.09 8.25 -0.65
C VAL A 269 22.81 8.52 0.66
N ILE A 270 22.50 7.70 1.67
CA ILE A 270 23.14 7.83 2.98
C ILE A 270 24.66 7.72 2.85
N GLU A 271 25.14 6.71 2.12
CA GLU A 271 26.58 6.40 2.09
C GLU A 271 27.37 7.41 1.25
N ILE A 272 26.90 7.71 0.04
CA ILE A 272 27.62 8.64 -0.83
C ILE A 272 27.60 10.06 -0.25
N LEU A 273 26.41 10.55 0.11
CA LEU A 273 26.36 11.93 0.58
C LEU A 273 26.87 12.08 2.01
N GLY A 274 26.94 11.00 2.79
CA GLY A 274 27.33 11.07 4.19
C GLY A 274 26.29 11.74 5.06
N ILE A 275 25.01 11.42 4.88
CA ILE A 275 23.94 12.04 5.64
C ILE A 275 23.03 10.96 6.22
N GLU A 276 22.14 11.36 7.12
CA GLU A 276 21.13 10.48 7.72
C GLU A 276 19.70 10.91 7.44
N TYR A 277 19.40 12.21 7.44
CA TYR A 277 18.01 12.67 7.43
C TYR A 277 17.65 13.36 6.13
N MET A 278 16.36 13.27 5.82
CA MET A 278 15.78 13.87 4.62
C MET A 278 16.19 15.35 4.46
N GLY A 279 16.12 16.12 5.55
CA GLY A 279 16.42 17.54 5.44
C GLY A 279 17.81 17.84 4.91
N GLU A 280 18.80 17.03 5.27
CA GLU A 280 20.18 17.29 4.81
C GLU A 280 20.28 17.27 3.29
N LEU A 281 19.34 16.62 2.59
CA LEU A 281 19.38 16.64 1.14
C LEU A 281 19.38 18.06 0.57
N THR A 282 18.80 19.04 1.29
CA THR A 282 18.69 20.38 0.71
C THR A 282 20.04 21.02 0.46
N GLN A 283 21.12 20.48 1.03
CA GLN A 283 22.37 21.21 0.77
C GLN A 283 23.05 20.81 -0.53
N PHE A 284 22.45 19.97 -1.36
CA PHE A 284 23.08 19.58 -2.62
C PHE A 284 22.34 20.22 -3.78
N THR A 285 23.09 20.60 -4.82
CA THR A 285 22.41 21.11 -6.00
C THR A 285 21.73 19.97 -6.73
N GLU A 286 20.75 20.32 -7.54
CA GLU A 286 20.09 19.32 -8.36
C GLU A 286 21.12 18.51 -9.15
N SER A 287 22.07 19.20 -9.79
CA SER A 287 23.04 18.50 -10.62
C SER A 287 23.84 17.50 -9.80
N GLN A 288 24.21 17.88 -8.57
CA GLN A 288 24.97 16.94 -7.74
C GLN A 288 24.18 15.64 -7.54
N LEU A 289 22.90 15.79 -7.18
CA LEU A 289 22.05 14.63 -6.97
C LEU A 289 21.87 13.85 -8.26
N GLN A 290 21.76 14.55 -9.39
CA GLN A 290 21.61 13.89 -10.69
C GLN A 290 22.87 13.11 -11.04
N SER A 291 24.04 13.65 -10.68
CA SER A 291 25.28 12.95 -10.95
CA SER A 291 25.28 12.95 -10.95
C SER A 291 25.36 11.65 -10.16
N HIS A 292 25.06 11.71 -8.86
CA HIS A 292 25.18 10.52 -8.03
C HIS A 292 24.09 9.49 -8.30
N PHE A 293 22.86 9.93 -8.61
CA PHE A 293 21.72 9.03 -8.54
C PHE A 293 20.90 9.04 -9.82
N GLY A 294 21.46 9.54 -10.90
CA GLY A 294 20.72 9.61 -12.15
C GLY A 294 19.82 10.82 -12.22
N GLU A 295 19.50 11.20 -13.45
CA GLU A 295 18.83 12.47 -13.68
C GLU A 295 17.42 12.50 -13.10
N LYS A 296 16.69 11.39 -13.19
CA LYS A 296 15.32 11.33 -12.70
C LYS A 296 15.28 11.33 -11.18
N ASN A 297 15.91 10.32 -10.56
CA ASN A 297 16.08 10.28 -9.12
C ASN A 297 16.62 11.60 -8.60
N GLY A 298 17.56 12.21 -9.31
CA GLY A 298 18.15 13.44 -8.82
C GLY A 298 17.14 14.57 -8.77
N SER A 299 16.43 14.80 -9.87
CA SER A 299 15.35 15.79 -9.87
C SER A 299 14.34 15.50 -8.75
N TRP A 300 13.93 14.24 -8.66
CA TRP A 300 12.94 13.84 -7.67
C TRP A 300 13.44 14.09 -6.25
N LEU A 301 14.72 13.84 -5.98
CA LEU A 301 15.28 14.04 -4.65
C LEU A 301 15.44 15.51 -4.33
N TYR A 302 15.93 16.29 -5.30
CA TYR A 302 16.07 17.74 -5.12
C TYR A 302 14.75 18.38 -4.73
N ALA A 303 13.66 17.99 -5.41
CA ALA A 303 12.35 18.54 -5.02
C ALA A 303 11.81 17.89 -3.73
N MET A 304 12.06 16.60 -3.52
CA MET A 304 11.39 15.91 -2.41
C MET A 304 11.89 16.41 -1.08
N CYS A 305 13.19 16.71 -0.97
CA CYS A 305 13.66 17.20 0.34
C CYS A 305 13.16 18.60 0.67
N ARG A 306 12.53 19.28 -0.27
CA ARG A 306 11.83 20.52 -0.02
C ARG A 306 10.32 20.33 0.08
N GLY A 307 9.84 19.08 0.11
CA GLY A 307 8.41 18.82 0.24
C GLY A 307 7.65 18.81 -1.07
N ILE A 308 8.34 18.73 -2.19
CA ILE A 308 7.73 18.93 -3.49
C ILE A 308 7.85 17.65 -4.29
N GLU A 309 6.73 17.19 -4.83
CA GLU A 309 6.65 15.97 -5.60
C GLU A 309 5.48 16.10 -6.56
N HIS A 310 5.61 15.56 -7.74
CA HIS A 310 4.68 15.93 -8.77
C HIS A 310 3.93 14.77 -9.35
N ASP A 311 4.32 13.53 -8.99
CA ASP A 311 3.65 12.29 -9.37
C ASP A 311 2.14 12.47 -9.25
N PRO A 312 1.38 12.21 -10.30
CA PRO A 312 -0.06 12.43 -10.22
C PRO A 312 -0.79 11.26 -9.58
N VAL A 313 -1.94 11.58 -9.02
CA VAL A 313 -2.89 10.59 -8.54
C VAL A 313 -3.53 9.99 -9.78
N LYS A 314 -3.08 8.80 -10.16
CA LYS A 314 -3.61 8.17 -11.36
CA LYS A 314 -3.62 8.18 -11.37
C LYS A 314 -5.06 7.73 -11.13
N PRO A 315 -5.94 7.91 -12.10
CA PRO A 315 -7.29 7.36 -11.96
C PRO A 315 -7.31 5.88 -12.28
N ARG A 316 -7.04 5.04 -11.28
CA ARG A 316 -6.91 3.60 -11.48
C ARG A 316 -7.32 2.90 -10.17
N GLN A 317 -8.58 2.48 -10.12
CA GLN A 317 -9.15 1.79 -8.96
C GLN A 317 -8.94 0.29 -8.97
N LEU A 318 -8.60 -0.28 -10.12
CA LEU A 318 -8.47 -1.72 -10.27
C LEU A 318 -7.02 -2.09 -10.48
N PRO A 319 -6.60 -3.27 -9.99
CA PRO A 319 -5.27 -3.78 -10.34
C PRO A 319 -5.07 -3.84 -11.86
N LYS A 320 -3.82 -3.64 -12.30
CA LYS A 320 -3.43 -3.81 -13.70
C LYS A 320 -3.04 -5.24 -14.03
N THR A 321 -2.82 -6.07 -13.02
CA THR A 321 -2.40 -7.45 -13.20
C THR A 321 -3.12 -8.33 -12.19
N ILE A 322 -3.32 -9.59 -12.53
CA ILE A 322 -3.93 -10.55 -11.62
C ILE A 322 -3.04 -11.78 -11.57
N GLY A 323 -2.49 -12.10 -10.40
CA GLY A 323 -1.47 -13.12 -10.31
C GLY A 323 -1.66 -14.05 -9.12
N CYS A 324 -1.08 -15.24 -9.27
CA CYS A 324 -1.13 -16.33 -8.31
CA CYS A 324 -1.13 -16.33 -8.31
C CYS A 324 0.28 -16.85 -8.09
N SER A 325 0.68 -16.99 -6.83
CA SER A 325 2.07 -17.24 -6.49
C SER A 325 2.14 -18.30 -5.40
N LYS A 326 3.08 -19.23 -5.52
CA LYS A 326 3.31 -20.12 -4.38
C LYS A 326 4.76 -20.54 -4.27
N ASN A 327 5.34 -20.32 -3.09
CA ASN A 327 6.64 -20.86 -2.74
C ASN A 327 6.56 -22.34 -2.44
N PHE A 328 7.66 -23.03 -2.70
CA PHE A 328 7.83 -24.44 -2.37
C PHE A 328 9.19 -24.55 -1.71
N PRO A 329 9.28 -24.23 -0.43
CA PRO A 329 10.59 -24.09 0.21
C PRO A 329 11.21 -25.43 0.56
N GLY A 330 12.53 -25.49 0.42
CA GLY A 330 13.30 -26.63 0.93
C GLY A 330 12.80 -27.95 0.39
N LYS A 331 12.52 -28.88 1.30
CA LYS A 331 12.21 -30.24 0.94
C LYS A 331 10.82 -30.40 0.37
N THR A 332 10.07 -29.32 0.20
CA THR A 332 8.82 -29.39 -0.55
C THR A 332 8.98 -28.88 -1.98
N ALA A 333 10.20 -28.53 -2.39
CA ALA A 333 10.44 -28.06 -3.75
C ALA A 333 10.05 -29.10 -4.78
N LEU A 334 9.43 -28.65 -5.87
CA LEU A 334 8.86 -29.56 -6.85
C LEU A 334 9.98 -30.20 -7.67
N ALA A 335 10.05 -31.52 -7.64
CA ALA A 335 11.19 -32.25 -8.19
C ALA A 335 10.80 -33.21 -9.29
N THR A 336 9.51 -33.35 -9.59
CA THR A 336 9.04 -34.24 -10.62
C THR A 336 8.15 -33.47 -11.58
N ARG A 337 7.94 -34.07 -12.76
CA ARG A 337 7.09 -33.46 -13.77
C ARG A 337 5.65 -33.42 -13.33
N GLU A 338 5.14 -34.55 -12.81
CA GLU A 338 3.77 -34.60 -12.30
C GLU A 338 3.48 -33.48 -11.31
N GLN A 339 4.44 -33.21 -10.43
CA GLN A 339 4.26 -32.18 -9.41
C GLN A 339 4.12 -30.80 -10.04
N VAL A 340 5.02 -30.47 -10.97
CA VAL A 340 4.97 -29.15 -11.59
C VAL A 340 3.67 -29.00 -12.34
N GLN A 341 3.17 -30.07 -12.95
CA GLN A 341 1.90 -29.99 -13.66
C GLN A 341 0.74 -29.77 -12.70
N TRP A 342 0.70 -30.53 -11.61
CA TRP A 342 -0.44 -30.41 -10.70
C TRP A 342 -0.50 -29.01 -10.08
N TRP A 343 0.67 -28.42 -9.79
CA TRP A 343 0.65 -27.10 -9.18
C TRP A 343 0.43 -25.99 -10.20
N LEU A 344 0.95 -26.13 -11.41
CA LEU A 344 0.58 -25.19 -12.47
C LEU A 344 -0.93 -25.24 -12.68
N LEU A 345 -1.54 -26.41 -12.53
CA LEU A 345 -2.98 -26.51 -12.71
C LEU A 345 -3.72 -25.90 -11.53
N GLN A 346 -3.20 -26.04 -10.32
CA GLN A 346 -3.86 -25.39 -9.19
C GLN A 346 -3.79 -23.87 -9.33
N LEU A 347 -2.60 -23.35 -9.64
CA LEU A 347 -2.44 -21.93 -9.86
C LEU A 347 -3.35 -21.45 -10.98
N ALA A 348 -3.39 -22.20 -12.09
CA ALA A 348 -4.20 -21.79 -13.23
C ALA A 348 -5.68 -21.81 -12.89
N GLN A 349 -6.13 -22.76 -12.08
CA GLN A 349 -7.54 -22.81 -11.70
C GLN A 349 -7.93 -21.61 -10.85
N GLU A 350 -7.07 -21.25 -9.88
CA GLU A 350 -7.41 -20.04 -9.10
C GLU A 350 -7.40 -18.82 -10.02
N LEU A 351 -6.39 -18.72 -10.87
CA LEU A 351 -6.27 -17.58 -11.77
C LEU A 351 -7.50 -17.45 -12.64
N GLU A 352 -7.98 -18.59 -13.16
CA GLU A 352 -9.16 -18.61 -14.01
C GLU A 352 -10.38 -18.09 -13.28
N GLU A 353 -10.63 -18.62 -12.08
CA GLU A 353 -11.76 -18.12 -11.28
C GLU A 353 -11.69 -16.60 -11.13
N ARG A 354 -10.50 -16.10 -10.77
CA ARG A 354 -10.35 -14.65 -10.53
C ARG A 354 -10.56 -13.87 -11.83
N LEU A 355 -10.06 -14.39 -12.95
CA LEU A 355 -10.18 -13.70 -14.22
C LEU A 355 -11.61 -13.67 -14.72
N THR A 356 -12.32 -14.78 -14.56
CA THR A 356 -13.71 -14.83 -15.00
C THR A 356 -14.54 -13.82 -14.22
N LYS A 357 -14.28 -13.74 -12.91
CA LYS A 357 -14.96 -12.72 -12.10
C LYS A 357 -14.54 -11.31 -12.52
N ASP A 358 -13.26 -11.12 -12.87
CA ASP A 358 -12.81 -9.81 -13.29
C ASP A 358 -13.50 -9.38 -14.58
N ARG A 359 -13.56 -10.28 -15.57
CA ARG A 359 -14.27 -10.00 -16.83
C ARG A 359 -15.72 -9.57 -16.57
N ASN A 360 -16.46 -10.34 -15.76
CA ASN A 360 -17.87 -10.00 -15.55
C ASN A 360 -18.03 -8.70 -14.77
N ASP A 361 -17.16 -8.43 -13.79
CA ASP A 361 -17.27 -7.22 -12.98
C ASP A 361 -16.81 -5.97 -13.73
N ASN A 362 -15.67 -6.03 -14.42
CA ASN A 362 -14.95 -4.84 -14.82
C ASN A 362 -14.83 -4.71 -16.34
N ASP A 363 -15.47 -5.60 -17.10
CA ASP A 363 -15.63 -5.46 -18.56
C ASP A 363 -14.27 -5.33 -19.28
N ARG A 364 -13.43 -6.34 -19.09
CA ARG A 364 -12.11 -6.33 -19.69
C ARG A 364 -11.57 -7.75 -19.68
N VAL A 365 -10.49 -7.95 -20.42
CA VAL A 365 -9.92 -9.27 -20.65
C VAL A 365 -8.40 -9.13 -20.67
N ALA A 366 -7.71 -10.00 -19.94
CA ALA A 366 -6.27 -10.08 -20.02
C ALA A 366 -5.83 -10.77 -21.30
N THR A 367 -4.67 -10.38 -21.82
CA THR A 367 -4.21 -10.87 -23.09
C THR A 367 -2.83 -11.51 -23.06
N GLN A 368 -2.13 -11.44 -21.93
CA GLN A 368 -0.76 -11.96 -21.83
C GLN A 368 -0.61 -12.74 -20.53
N LEU A 369 -0.09 -13.95 -20.62
CA LEU A 369 0.10 -14.81 -19.46
C LEU A 369 1.59 -14.86 -19.17
N VAL A 370 1.97 -14.50 -17.94
CA VAL A 370 3.37 -14.50 -17.54
C VAL A 370 3.57 -15.65 -16.57
N VAL A 371 4.62 -16.42 -16.80
CA VAL A 371 4.98 -17.53 -15.92
CA VAL A 371 4.99 -17.55 -15.94
C VAL A 371 6.36 -17.24 -15.35
N SER A 372 6.45 -17.28 -14.04
CA SER A 372 7.71 -17.05 -13.35
C SER A 372 8.01 -18.27 -12.48
N ILE A 373 9.28 -18.59 -12.38
CA ILE A 373 9.72 -19.74 -11.61
C ILE A 373 11.00 -19.34 -10.89
N ARG A 374 11.23 -19.99 -9.76
CA ARG A 374 12.49 -19.94 -9.04
C ARG A 374 13.00 -21.37 -8.96
N VAL A 375 14.30 -21.57 -9.14
CA VAL A 375 14.89 -22.90 -8.99
C VAL A 375 15.68 -22.93 -7.68
N GLN A 376 15.70 -24.11 -7.06
CA GLN A 376 16.35 -24.27 -5.76
C GLN A 376 17.80 -23.81 -5.83
N GLY A 377 18.23 -23.14 -4.77
CA GLY A 377 19.59 -22.65 -4.71
C GLY A 377 19.84 -21.37 -5.49
N ASP A 378 18.95 -20.95 -6.36
CA ASP A 378 19.08 -19.65 -6.99
C ASP A 378 19.05 -18.56 -5.92
N LYS A 379 19.93 -17.57 -6.09
CA LYS A 379 19.92 -16.41 -5.22
C LYS A 379 18.68 -15.54 -5.46
N ARG A 380 18.33 -15.32 -6.73
CA ARG A 380 17.30 -14.35 -7.09
C ARG A 380 15.91 -14.84 -6.68
N LEU A 381 15.00 -13.88 -6.43
CA LEU A 381 13.61 -14.25 -6.14
C LEU A 381 12.95 -14.88 -7.35
N SER A 382 13.23 -14.36 -8.54
CA SER A 382 12.68 -14.87 -9.79
C SER A 382 13.85 -15.36 -10.64
N SER A 383 13.79 -16.64 -11.03
CA SER A 383 14.83 -17.27 -11.85
C SER A 383 14.51 -17.18 -13.33
N LEU A 384 13.23 -17.28 -13.68
CA LEU A 384 12.81 -17.11 -15.07
C LEU A 384 11.41 -16.53 -15.14
N ARG A 385 11.27 -15.51 -15.98
CA ARG A 385 10.02 -14.81 -16.23
C ARG A 385 9.84 -14.87 -17.75
N ARG A 386 8.83 -15.60 -18.21
CA ARG A 386 8.57 -15.71 -19.64
CA ARG A 386 8.57 -15.70 -19.64
C ARG A 386 7.08 -15.54 -19.90
N CYS A 387 6.75 -14.85 -20.98
CA CYS A 387 5.38 -14.53 -21.32
C CYS A 387 4.93 -15.31 -22.55
N CYS A 388 3.63 -15.57 -22.63
CA CYS A 388 3.01 -16.20 -23.79
C CYS A 388 1.63 -15.58 -23.97
N ALA A 389 0.94 -15.97 -25.04
CA ALA A 389 -0.37 -15.41 -25.30
C ALA A 389 -1.40 -16.07 -24.39
N LEU A 390 -2.34 -15.26 -23.90
CA LEU A 390 -3.51 -15.70 -23.13
C LEU A 390 -4.76 -15.44 -23.97
N THR A 391 -5.35 -16.50 -24.51
CA THR A 391 -6.46 -16.38 -25.46
C THR A 391 -7.76 -16.94 -24.95
N ARG A 392 -7.75 -17.67 -23.83
CA ARG A 392 -8.94 -18.27 -23.25
C ARG A 392 -8.81 -18.32 -21.74
N TYR A 393 -9.94 -18.16 -21.05
CA TYR A 393 -9.95 -18.32 -19.59
C TYR A 393 -10.20 -19.79 -19.24
N ASP A 394 -9.24 -20.61 -19.65
CA ASP A 394 -9.27 -22.06 -19.45
C ASP A 394 -8.05 -22.47 -18.63
N ALA A 395 -8.27 -22.96 -17.42
CA ALA A 395 -7.16 -23.31 -16.54
C ALA A 395 -6.26 -24.36 -17.17
N HIS A 396 -6.84 -25.41 -17.76
CA HIS A 396 -6.03 -26.46 -18.37
C HIS A 396 -5.14 -25.89 -19.48
N LYS A 397 -5.68 -24.98 -20.29
CA LYS A 397 -4.86 -24.40 -21.34
C LYS A 397 -3.75 -23.52 -20.76
N MET A 398 -4.08 -22.66 -19.77
CA MET A 398 -3.06 -21.79 -19.18
C MET A 398 -1.92 -22.59 -18.56
N SER A 399 -2.27 -23.61 -17.78
CA SER A 399 -1.27 -24.45 -17.13
C SER A 399 -0.41 -25.19 -18.15
N HIS A 400 -1.04 -25.76 -19.18
CA HIS A 400 -0.24 -26.39 -20.24
C HIS A 400 0.72 -25.39 -20.89
N ASP A 401 0.25 -24.16 -21.17
CA ASP A 401 1.11 -23.17 -21.82
C ASP A 401 2.27 -22.74 -20.91
N ALA A 402 1.99 -22.57 -19.62
CA ALA A 402 3.06 -22.31 -18.66
C ALA A 402 4.09 -23.41 -18.70
N PHE A 403 3.65 -24.66 -18.81
CA PHE A 403 4.61 -25.76 -18.88
C PHE A 403 5.42 -25.70 -20.18
N THR A 404 4.74 -25.51 -21.30
CA THR A 404 5.44 -25.39 -22.55
C THR A 404 6.49 -24.28 -22.50
N VAL A 405 6.19 -23.22 -21.77
CA VAL A 405 7.08 -22.06 -21.76
C VAL A 405 8.25 -22.22 -20.78
N ILE A 406 8.12 -23.07 -19.77
CA ILE A 406 9.20 -23.28 -18.80
C ILE A 406 9.90 -24.62 -18.91
N LYS A 407 9.41 -25.57 -19.71
CA LYS A 407 9.94 -26.94 -19.67
C LYS A 407 11.43 -27.02 -19.98
N ASN A 408 11.98 -26.08 -20.72
CA ASN A 408 13.38 -26.13 -21.12
C ASN A 408 14.30 -25.64 -20.03
N CYS A 409 13.80 -25.57 -18.79
CA CYS A 409 14.64 -25.40 -17.61
C CYS A 409 15.03 -26.73 -17.01
N ASN A 410 14.24 -27.77 -17.26
CA ASN A 410 14.53 -29.09 -16.70
C ASN A 410 15.79 -29.66 -17.34
N THR A 411 16.76 -30.02 -16.51
CA THR A 411 18.01 -30.63 -16.96
C THR A 411 18.06 -32.14 -16.74
N SER A 412 16.95 -32.75 -16.35
CA SER A 412 16.92 -34.20 -16.15
C SER A 412 16.91 -34.94 -17.49
N GLY A 413 17.54 -36.11 -17.49
CA GLY A 413 17.45 -37.02 -18.63
C GLY A 413 16.28 -37.95 -18.47
N THR A 416 11.04 -37.43 -16.63
CA THR A 416 10.17 -37.82 -15.53
C THR A 416 10.48 -37.01 -14.27
N GLU A 417 11.76 -36.71 -14.07
CA GLU A 417 12.23 -35.89 -12.96
C GLU A 417 12.23 -34.42 -13.35
N TRP A 418 12.44 -33.56 -12.34
CA TRP A 418 12.67 -32.13 -12.55
C TRP A 418 13.88 -31.69 -11.74
N SER A 419 14.83 -31.02 -12.40
CA SER A 419 16.05 -30.59 -11.76
C SER A 419 16.56 -29.31 -12.43
N PRO A 420 16.97 -28.31 -11.65
CA PRO A 420 16.89 -28.22 -10.19
C PRO A 420 15.44 -28.14 -9.76
N PRO A 421 15.14 -28.54 -8.53
CA PRO A 421 13.75 -28.45 -8.04
C PRO A 421 13.27 -27.00 -7.95
N LEU A 422 11.99 -26.81 -8.23
CA LEU A 422 11.37 -25.50 -8.33
C LEU A 422 10.92 -25.03 -6.95
N THR A 423 11.38 -23.86 -6.53
CA THR A 423 11.03 -23.34 -5.23
C THR A 423 9.92 -22.32 -5.28
N MET A 424 9.45 -21.97 -6.49
CA MET A 424 8.37 -21.00 -6.64
C MET A 424 7.72 -21.18 -8.00
N LEU A 425 6.39 -21.21 -8.04
CA LEU A 425 5.66 -21.04 -9.29
C LEU A 425 4.85 -19.74 -9.20
N PHE A 426 4.67 -19.09 -10.35
CA PHE A 426 4.00 -17.79 -10.38
CA PHE A 426 4.01 -17.79 -10.37
C PHE A 426 3.35 -17.60 -11.74
N LEU A 427 2.02 -17.53 -11.76
CA LEU A 427 1.26 -17.23 -12.95
C LEU A 427 0.68 -15.83 -12.80
N CYS A 428 0.70 -15.04 -13.88
CA CYS A 428 0.17 -13.67 -13.81
C CYS A 428 -0.40 -13.24 -15.15
N ALA A 429 -1.65 -12.79 -15.12
CA ALA A 429 -2.34 -12.27 -16.28
C ALA A 429 -2.16 -10.76 -16.33
N THR A 430 -1.74 -10.27 -17.49
CA THR A 430 -1.46 -8.86 -17.68
C THR A 430 -2.00 -8.44 -19.04
N LYS A 431 -1.73 -7.19 -19.40
CA LYS A 431 -2.09 -6.60 -20.69
C LYS A 431 -3.60 -6.66 -20.94
N PHE A 432 -4.34 -5.98 -20.06
CA PHE A 432 -5.80 -5.97 -20.13
C PHE A 432 -6.32 -5.07 -21.23
N SER A 433 -7.53 -5.39 -21.70
CA SER A 433 -8.12 -4.76 -22.88
C SER A 433 -9.64 -4.77 -22.74
N ALA A 434 -10.28 -3.69 -23.18
CA ALA A 434 -11.73 -3.53 -23.00
C ALA A 434 -12.48 -4.73 -23.55
N SER A 435 -13.58 -5.09 -22.88
CA SER A 435 -14.39 -6.21 -23.33
C SER A 435 -15.87 -5.96 -23.04
MG MG D . -2.97 -0.85 6.48
MG MG E . -1.29 -0.36 3.22
N1 XG4 F . 1.93 -10.95 2.37
C2 XG4 F . 0.58 -10.97 2.29
N2 XG4 F . 0.06 -12.04 1.70
N3 XG4 F . -0.25 -10.03 2.74
C4 XG4 F . 0.35 -9.01 3.30
C5 XG4 F . 1.67 -8.86 3.45
C6 XG4 F . 2.50 -9.88 2.95
O6 XG4 F . 3.72 -9.83 3.04
N7 XG4 F . 1.95 -7.66 4.10
C8 XG4 F . 0.77 -7.13 4.32
N9 XG4 F . -0.25 -7.91 3.87
PA XG4 F . -0.58 -2.76 5.46
PB XG4 F . -2.08 -3.18 7.94
PG XG4 F . -1.51 -0.73 9.31
C1' XG4 F . -1.69 -7.69 3.95
O1A XG4 F . -1.30 -1.53 5.19
O1B XG4 F . -3.23 -2.64 7.23
O1G XG4 F . -0.17 -0.43 9.78
C2' XG4 F . -2.24 -7.71 5.37
O2A XG4 F . 0.93 -2.53 5.21
O2B XG4 F . -2.34 -4.60 8.47
O2G XG4 F . -1.79 -0.22 7.91
C3' XG4 F . -2.45 -6.24 5.71
O3' XG4 F . -3.57 -6.08 6.57
N3A XG4 F . -0.76 -3.24 7.00
O3B XG4 F . -1.71 -2.31 9.19
O3G XG4 F . -2.61 -0.28 10.22
C4' XG4 F . -2.74 -5.63 4.35
O4' XG4 F . -1.97 -6.40 3.41
C5' XG4 F . -2.38 -4.17 4.21
O5' XG4 F . -1.00 -3.98 4.57
#